data_7FC8
#
_entry.id   7FC8
#
_cell.length_a   74.982
_cell.length_b   74.982
_cell.length_c   101.461
_cell.angle_alpha   90.000
_cell.angle_beta   90.000
_cell.angle_gamma   90.000
#
_symmetry.space_group_name_H-M   'P 42 21 2'
#
loop_
_entity.id
_entity.type
_entity.pdbx_description
1 polymer 'Enoyl-[acyl-carrier-protein] reductase [NADH]'
2 non-polymer 'CALCIUM ION'
3 water water
#
_entity_poly.entity_id   1
_entity_poly.type   'polypeptide(L)'
_entity_poly.pdbx_seq_one_letter_code
;HHHHHHENLYFQSMLLKGQRFVVTGIASKLSIAWAIAESLHREGAQLILTYPNDKIKKRVDMAAEAFDAVAVIECDVGSD
ESIQVCFDEIAKHWGVGDDKGIDGIVHAIGFAPADQLDGDFTQATTREGSQIAHDISSYSFVALAKAGRELLAARQGSLL
TLTYEGSISVLPNYNVMGMAKASLEASVRYLASSLGGEGIRVNAISAGPIRTLAASGIKSFRRMLDVSEKIAPLQRNVSQ
EEVGNAALFLLSPWASGITGEILFVDAGFNTVAISEKIMMMAGDGEQ
;
_entity_poly.pdbx_strand_id   A
#
# COMPACT_ATOMS: atom_id res chain seq x y z
N MET A 14 -18.93 3.85 -12.93
CA MET A 14 -17.78 4.01 -12.01
C MET A 14 -17.46 2.71 -11.28
N LEU A 15 -16.24 2.21 -11.49
CA LEU A 15 -15.79 0.89 -11.13
C LEU A 15 -15.99 0.59 -9.63
N LEU A 16 -15.84 1.59 -8.74
CA LEU A 16 -15.89 1.36 -7.31
C LEU A 16 -17.07 2.07 -6.61
N LYS A 17 -18.15 2.40 -7.33
CA LYS A 17 -19.29 3.05 -6.70
C LYS A 17 -19.67 2.31 -5.43
N GLY A 18 -19.61 3.03 -4.30
CA GLY A 18 -20.14 2.54 -3.04
C GLY A 18 -19.19 1.59 -2.33
N GLN A 19 -17.92 1.60 -2.72
CA GLN A 19 -16.96 0.69 -2.11
C GLN A 19 -16.07 1.47 -1.15
N ARG A 20 -15.60 0.80 -0.11
CA ARG A 20 -14.96 1.44 1.01
C ARG A 20 -13.50 0.94 1.17
N PHE A 21 -12.56 1.89 1.33
CA PHE A 21 -11.14 1.58 1.40
C PHE A 21 -10.48 2.40 2.49
N VAL A 22 -9.82 1.70 3.41
CA VAL A 22 -8.88 2.24 4.37
C VAL A 22 -7.53 2.36 3.66
N VAL A 23 -7.00 3.59 3.55
CA VAL A 23 -5.69 3.80 2.97
C VAL A 23 -4.75 4.35 4.04
N THR A 24 -3.67 3.61 4.25
CA THR A 24 -2.66 3.90 5.26
C THR A 24 -1.35 4.18 4.54
N GLY A 25 -0.79 5.38 4.77
CA GLY A 25 0.59 5.72 4.40
C GLY A 25 0.72 7.08 3.69
N ILE A 26 -0.37 7.86 3.67
CA ILE A 26 -0.36 9.12 2.93
C ILE A 26 0.60 10.12 3.56
N ALA A 27 0.88 9.92 4.85
CA ALA A 27 1.80 10.77 5.61
C ALA A 27 3.19 10.82 4.97
N SER A 28 3.60 9.73 4.29
CA SER A 28 4.91 9.67 3.65
C SER A 28 4.82 10.15 2.21
N LYS A 29 5.81 10.97 1.83
CA LYS A 29 5.89 11.56 0.51
C LYS A 29 6.52 10.55 -0.46
N LEU A 30 7.00 9.42 0.07
CA LEU A 30 7.66 8.40 -0.73
C LEU A 30 6.79 7.15 -0.94
N SER A 31 5.59 7.10 -0.33
CA SER A 31 4.78 5.90 -0.20
C SER A 31 3.98 5.56 -1.47
N ILE A 32 3.55 6.60 -2.22
CA ILE A 32 2.67 6.51 -3.38
C ILE A 32 1.23 6.31 -2.93
N ALA A 33 1.02 6.39 -1.61
CA ALA A 33 -0.32 6.17 -1.08
C ALA A 33 -1.28 7.24 -1.61
N TRP A 34 -0.78 8.48 -1.75
CA TRP A 34 -1.56 9.56 -2.32
C TRP A 34 -2.14 9.14 -3.66
N ALA A 35 -1.26 8.75 -4.59
CA ALA A 35 -1.72 8.35 -5.93
C ALA A 35 -2.70 7.19 -5.84
N ILE A 36 -2.50 6.29 -4.89
CA ILE A 36 -3.45 5.18 -4.81
C ILE A 36 -4.81 5.75 -4.39
N ALA A 37 -4.80 6.66 -3.40
CA ALA A 37 -6.06 7.23 -2.93
C ALA A 37 -6.77 7.94 -4.09
N GLU A 38 -6.00 8.76 -4.82
CA GLU A 38 -6.49 9.47 -5.98
C GLU A 38 -7.14 8.50 -6.97
N SER A 39 -6.40 7.44 -7.34
CA SER A 39 -6.92 6.48 -8.30
C SER A 39 -8.24 5.93 -7.80
N LEU A 40 -8.35 5.67 -6.48
CA LEU A 40 -9.51 4.99 -5.91
C LEU A 40 -10.71 5.93 -5.92
N HIS A 41 -10.49 7.14 -5.36
CA HIS A 41 -11.47 8.22 -5.37
C HIS A 41 -12.00 8.42 -6.79
N ARG A 42 -11.06 8.49 -7.75
CA ARG A 42 -11.42 8.84 -9.11
C ARG A 42 -12.51 7.93 -9.64
N GLU A 43 -12.59 6.71 -9.09
CA GLU A 43 -13.52 5.70 -9.57
C GLU A 43 -14.66 5.49 -8.57
N GLY A 44 -14.79 6.44 -7.62
CA GLY A 44 -16.01 6.57 -6.84
C GLY A 44 -15.91 5.89 -5.48
N ALA A 45 -14.73 5.40 -5.12
CA ALA A 45 -14.61 4.77 -3.83
C ALA A 45 -14.75 5.86 -2.78
N GLN A 46 -15.17 5.45 -1.58
CA GLN A 46 -15.15 6.29 -0.39
C GLN A 46 -14.05 5.82 0.54
N LEU A 47 -13.29 6.79 1.09
CA LEU A 47 -11.97 6.56 1.65
C LEU A 47 -11.93 6.97 3.11
N ILE A 48 -11.24 6.18 3.91
CA ILE A 48 -10.81 6.60 5.23
C ILE A 48 -9.30 6.49 5.22
N LEU A 49 -8.61 7.60 5.50
CA LEU A 49 -7.17 7.70 5.43
C LEU A 49 -6.63 7.78 6.85
N THR A 50 -5.43 7.24 7.06
CA THR A 50 -4.89 7.26 8.40
C THR A 50 -3.59 8.06 8.42
N TYR A 51 -3.24 8.53 9.62
CA TYR A 51 -2.07 9.35 9.90
C TYR A 51 -1.43 8.73 11.12
N PRO A 52 -0.09 8.67 11.16
CA PRO A 52 0.59 7.91 12.21
C PRO A 52 0.72 8.71 13.50
N ASN A 53 0.43 10.01 13.41
CA ASN A 53 0.90 10.95 14.41
C ASN A 53 0.20 12.28 14.17
N ASP A 54 -0.27 12.92 15.26
CA ASP A 54 -0.93 14.22 15.09
C ASP A 54 0.11 15.29 14.73
N LYS A 55 1.39 14.88 14.66
CA LYS A 55 2.48 15.67 14.12
C LYS A 55 2.50 15.58 12.60
N ILE A 56 2.22 14.38 12.05
CA ILE A 56 2.18 14.18 10.62
C ILE A 56 0.73 13.92 10.20
N LYS A 57 -0.10 14.97 10.24
CA LYS A 57 -1.52 14.82 9.98
C LYS A 57 -1.91 15.76 8.85
N LYS A 58 -1.02 16.72 8.56
CA LYS A 58 -1.37 17.85 7.71
C LYS A 58 -1.53 17.38 6.26
N ARG A 59 -0.61 16.54 5.81
CA ARG A 59 -0.64 16.00 4.45
C ARG A 59 -1.89 15.15 4.25
N VAL A 60 -2.24 14.37 5.29
CA VAL A 60 -3.38 13.49 5.23
C VAL A 60 -4.67 14.30 5.14
N ASP A 61 -4.77 15.39 5.94
CA ASP A 61 -5.90 16.30 5.91
C ASP A 61 -6.04 16.91 4.50
N MET A 62 -4.92 17.22 3.85
CA MET A 62 -4.97 17.68 2.46
C MET A 62 -5.69 16.66 1.60
N ALA A 63 -5.32 15.38 1.76
CA ALA A 63 -5.85 14.31 0.92
C ALA A 63 -7.32 14.14 1.26
N ALA A 64 -7.59 14.11 2.58
CA ALA A 64 -8.94 14.05 3.11
C ALA A 64 -9.79 15.07 2.38
N GLU A 65 -9.25 16.30 2.33
CA GLU A 65 -9.85 17.42 1.64
C GLU A 65 -10.06 17.05 0.17
N ALA A 66 -8.97 16.78 -0.54
CA ALA A 66 -9.07 16.52 -1.98
C ALA A 66 -9.99 15.34 -2.28
N PHE A 67 -10.05 14.33 -1.39
CA PHE A 67 -10.67 13.07 -1.78
C PHE A 67 -12.03 12.87 -1.11
N ASP A 68 -12.47 13.79 -0.24
CA ASP A 68 -13.77 13.71 0.41
C ASP A 68 -13.77 12.58 1.45
N ALA A 69 -12.66 12.45 2.17
CA ALA A 69 -12.50 11.33 3.09
C ALA A 69 -13.65 11.31 4.08
N VAL A 70 -14.23 10.11 4.26
CA VAL A 70 -15.31 9.83 5.19
C VAL A 70 -14.81 10.06 6.61
N ALA A 71 -13.55 9.67 6.86
CA ALA A 71 -12.95 10.01 8.13
C ALA A 71 -11.44 10.03 7.97
N VAL A 72 -10.78 10.49 9.03
CA VAL A 72 -9.33 10.60 9.08
C VAL A 72 -8.97 10.13 10.48
N ILE A 73 -8.34 8.96 10.57
CA ILE A 73 -8.21 8.34 11.89
C ILE A 73 -6.74 8.09 12.14
N GLU A 74 -6.30 8.30 13.38
CA GLU A 74 -4.92 8.14 13.79
C GLU A 74 -4.60 6.65 13.82
N CYS A 75 -3.59 6.22 13.07
CA CYS A 75 -3.12 4.85 13.19
C CYS A 75 -1.60 4.80 13.08
N ASP A 76 -0.95 4.33 14.14
CA ASP A 76 0.47 4.05 14.11
C ASP A 76 0.63 2.54 13.94
N VAL A 77 1.15 2.13 12.78
CA VAL A 77 1.17 0.71 12.41
C VAL A 77 2.27 -0.01 13.18
N GLY A 78 2.96 0.73 14.07
CA GLY A 78 3.93 0.13 14.98
C GLY A 78 3.30 -0.41 16.26
N SER A 79 1.99 -0.18 16.50
CA SER A 79 1.45 -0.65 17.77
C SER A 79 0.06 -1.26 17.61
N ASP A 80 -0.09 -2.46 18.16
CA ASP A 80 -1.31 -3.25 17.98
C ASP A 80 -2.51 -2.49 18.53
N GLU A 81 -2.30 -1.81 19.67
CA GLU A 81 -3.33 -1.07 20.40
C GLU A 81 -3.81 0.10 19.54
N SER A 82 -2.85 0.86 18.99
CA SER A 82 -3.17 1.97 18.10
C SER A 82 -4.01 1.46 16.92
N ILE A 83 -3.65 0.30 16.39
CA ILE A 83 -4.34 -0.30 15.26
C ILE A 83 -5.76 -0.71 15.67
N GLN A 84 -5.85 -1.36 16.83
CA GLN A 84 -7.12 -1.76 17.43
C GLN A 84 -8.06 -0.56 17.61
N VAL A 85 -7.54 0.56 18.15
CA VAL A 85 -8.37 1.73 18.38
C VAL A 85 -8.86 2.21 17.02
N CYS A 86 -7.93 2.31 16.07
CA CYS A 86 -8.23 2.76 14.71
C CYS A 86 -9.40 1.95 14.15
N PHE A 87 -9.33 0.63 14.31
CA PHE A 87 -10.32 -0.27 13.73
C PHE A 87 -11.63 -0.26 14.50
N ASP A 88 -11.57 0.00 15.83
CA ASP A 88 -12.78 0.29 16.60
C ASP A 88 -13.52 1.47 15.97
N GLU A 89 -12.80 2.56 15.65
CA GLU A 89 -13.34 3.74 14.97
C GLU A 89 -13.85 3.43 13.57
N ILE A 90 -13.11 2.63 12.79
CA ILE A 90 -13.58 2.37 11.43
C ILE A 90 -14.86 1.55 11.49
N ALA A 91 -14.94 0.65 12.49
CA ALA A 91 -16.11 -0.17 12.78
C ALA A 91 -17.37 0.68 13.02
N LYS A 92 -17.20 1.83 13.68
CA LYS A 92 -18.27 2.80 13.95
C LYS A 92 -18.81 3.37 12.65
N HIS A 93 -17.95 3.63 11.67
CA HIS A 93 -18.41 4.18 10.40
C HIS A 93 -18.94 3.10 9.47
N TRP A 94 -18.35 1.90 9.51
CA TRP A 94 -18.49 1.01 8.36
C TRP A 94 -18.80 -0.41 8.84
N GLY A 95 -18.85 -0.62 10.15
CA GLY A 95 -19.01 -1.94 10.73
C GLY A 95 -20.44 -2.15 11.22
N VAL A 96 -21.32 -1.23 10.79
CA VAL A 96 -22.75 -1.24 11.09
C VAL A 96 -23.51 -0.98 9.79
N GLY A 97 -24.80 -1.31 9.80
CA GLY A 97 -25.66 -1.20 8.63
C GLY A 97 -26.01 -2.57 8.08
N ASP A 98 -26.81 -2.57 7.01
CA ASP A 98 -27.10 -3.80 6.29
C ASP A 98 -25.86 -4.17 5.49
N ASP A 99 -25.25 -3.14 4.90
CA ASP A 99 -24.13 -3.31 3.98
C ASP A 99 -22.82 -2.99 4.69
N LYS A 100 -22.65 -3.51 5.90
CA LYS A 100 -21.44 -3.33 6.68
C LYS A 100 -20.25 -3.97 5.95
N GLY A 101 -19.02 -3.49 6.23
CA GLY A 101 -17.79 -4.12 5.76
C GLY A 101 -16.87 -3.19 4.97
N ILE A 102 -15.68 -3.69 4.59
CA ILE A 102 -14.61 -2.96 3.89
C ILE A 102 -14.31 -3.64 2.56
N ASP A 103 -14.11 -2.85 1.50
CA ASP A 103 -13.78 -3.39 0.19
C ASP A 103 -12.27 -3.60 0.05
N GLY A 104 -11.48 -2.74 0.71
CA GLY A 104 -10.04 -2.95 0.67
C GLY A 104 -9.34 -2.25 1.81
N ILE A 105 -8.15 -2.75 2.15
CA ILE A 105 -7.24 -2.07 3.05
C ILE A 105 -5.92 -1.99 2.33
N VAL A 106 -5.38 -0.75 2.23
CA VAL A 106 -4.14 -0.47 1.53
C VAL A 106 -3.05 -0.15 2.56
N HIS A 107 -1.97 -0.94 2.55
CA HIS A 107 -0.76 -0.83 3.35
C HIS A 107 0.44 -0.38 2.49
N ALA A 108 0.73 0.94 2.54
CA ALA A 108 1.73 1.57 1.71
C ALA A 108 2.60 2.49 2.57
N ILE A 109 3.53 1.88 3.30
CA ILE A 109 4.21 2.48 4.44
C ILE A 109 5.47 3.20 3.96
N GLY A 110 6.54 2.43 3.68
CA GLY A 110 7.89 2.97 3.58
C GLY A 110 8.15 3.70 2.28
N THR A 125 24.33 -1.79 9.50
CA THR A 125 23.08 -1.63 10.31
C THR A 125 23.03 -2.69 11.40
N THR A 126 22.45 -2.31 12.55
CA THR A 126 22.33 -3.18 13.71
C THR A 126 21.17 -4.16 13.53
N ARG A 127 21.07 -5.07 14.52
CA ARG A 127 19.93 -5.93 14.67
C ARG A 127 18.68 -5.10 14.98
N GLU A 128 18.86 -4.01 15.75
CA GLU A 128 17.73 -3.16 16.09
C GLU A 128 17.15 -2.51 14.83
N GLY A 129 18.02 -2.08 13.91
CA GLY A 129 17.60 -1.57 12.60
C GLY A 129 16.83 -2.63 11.81
N SER A 130 17.35 -3.87 11.79
CA SER A 130 16.63 -5.00 11.23
C SER A 130 15.30 -5.21 11.94
N GLN A 131 15.31 -5.28 13.29
CA GLN A 131 14.11 -5.55 14.06
C GLN A 131 13.03 -4.52 13.69
N ILE A 132 13.46 -3.25 13.65
CA ILE A 132 12.59 -2.12 13.38
C ILE A 132 12.06 -2.18 11.95
N ALA A 133 12.91 -2.55 10.97
CA ALA A 133 12.45 -2.67 9.58
C ALA A 133 11.36 -3.73 9.50
N HIS A 134 11.56 -4.86 10.18
CA HIS A 134 10.67 -5.99 10.03
C HIS A 134 9.34 -5.65 10.70
N ASP A 135 9.44 -4.90 11.79
CA ASP A 135 8.26 -4.61 12.58
C ASP A 135 7.34 -3.65 11.81
N ILE A 136 7.91 -2.54 11.35
CA ILE A 136 7.13 -1.47 10.72
C ILE A 136 6.78 -1.88 9.29
N SER A 137 7.69 -2.58 8.62
CA SER A 137 7.54 -2.81 7.20
C SER A 137 6.76 -4.09 6.93
N SER A 138 7.02 -5.12 7.73
CA SER A 138 6.50 -6.43 7.42
C SER A 138 5.39 -6.83 8.39
N TYR A 139 5.69 -6.94 9.69
CA TYR A 139 4.65 -7.38 10.62
C TYR A 139 3.44 -6.46 10.60
N SER A 140 3.66 -5.15 10.52
CA SER A 140 2.54 -4.23 10.56
C SER A 140 1.45 -4.62 9.55
N PHE A 141 1.82 -5.26 8.45
CA PHE A 141 0.84 -5.64 7.45
C PHE A 141 -0.04 -6.77 7.98
N VAL A 142 0.60 -7.75 8.63
CA VAL A 142 -0.15 -8.80 9.26
C VAL A 142 -1.06 -8.20 10.33
N ALA A 143 -0.57 -7.17 11.03
CA ALA A 143 -1.31 -6.57 12.13
C ALA A 143 -2.62 -5.95 11.63
N LEU A 144 -2.57 -5.24 10.48
CA LEU A 144 -3.77 -4.65 9.88
C LEU A 144 -4.71 -5.75 9.39
N ALA A 145 -4.16 -6.78 8.73
CA ALA A 145 -4.98 -7.85 8.22
C ALA A 145 -5.81 -8.44 9.36
N LYS A 146 -5.16 -8.71 10.50
CA LYS A 146 -5.88 -9.24 11.65
C LYS A 146 -6.99 -8.27 12.04
N ALA A 147 -6.63 -7.00 12.31
CA ALA A 147 -7.61 -6.00 12.72
C ALA A 147 -8.72 -5.77 11.70
N GLY A 148 -8.50 -6.11 10.42
CA GLY A 148 -9.47 -5.73 9.40
C GLY A 148 -10.31 -6.91 8.88
N ARG A 149 -9.97 -8.11 9.38
CA ARG A 149 -10.44 -9.36 8.82
C ARG A 149 -11.96 -9.41 8.78
N GLU A 150 -12.58 -9.16 9.94
CA GLU A 150 -14.03 -9.23 10.12
C GLU A 150 -14.72 -8.35 9.08
N LEU A 151 -14.25 -7.10 8.96
CA LEU A 151 -14.84 -6.13 8.05
C LEU A 151 -14.55 -6.51 6.59
N LEU A 152 -13.32 -6.95 6.32
CA LEU A 152 -12.97 -7.34 4.97
C LEU A 152 -13.81 -8.54 4.56
N ALA A 153 -13.95 -9.52 5.49
CA ALA A 153 -14.78 -10.70 5.26
C ALA A 153 -16.20 -10.30 4.86
N ALA A 154 -16.80 -9.34 5.58
CA ALA A 154 -18.19 -8.91 5.41
C ALA A 154 -18.51 -8.52 3.97
N ARG A 155 -17.55 -7.97 3.24
CA ARG A 155 -17.75 -7.58 1.86
C ARG A 155 -16.83 -8.37 0.92
N GLN A 156 -16.18 -9.43 1.44
CA GLN A 156 -15.16 -10.15 0.68
C GLN A 156 -14.22 -9.17 -0.03
N GLY A 157 -13.51 -8.36 0.76
CA GLY A 157 -12.60 -7.37 0.20
C GLY A 157 -11.14 -7.86 0.19
N SER A 158 -10.22 -6.95 -0.15
CA SER A 158 -8.87 -7.43 -0.27
C SER A 158 -7.90 -6.54 0.52
N LEU A 159 -6.69 -7.06 0.71
CA LEU A 159 -5.53 -6.37 1.23
C LEU A 159 -4.49 -6.14 0.12
N LEU A 160 -3.88 -4.96 0.16
CA LEU A 160 -2.82 -4.65 -0.78
C LEU A 160 -1.70 -3.98 0.01
N THR A 161 -0.47 -4.48 -0.20
CA THR A 161 0.72 -3.86 0.35
C THR A 161 1.63 -3.43 -0.80
N LEU A 162 2.50 -2.48 -0.49
CA LEU A 162 3.47 -2.02 -1.46
C LEU A 162 4.89 -2.35 -1.01
N THR A 163 5.74 -2.59 -2.00
CA THR A 163 7.14 -2.87 -1.81
C THR A 163 7.87 -2.03 -2.85
N TYR A 164 9.14 -1.67 -2.57
CA TYR A 164 9.80 -0.59 -3.31
C TYR A 164 11.15 -1.09 -3.81
N GLU A 165 11.54 -0.71 -5.03
CA GLU A 165 12.84 -1.15 -5.52
C GLU A 165 13.62 0.02 -6.12
N TYR A 174 17.60 -2.33 -0.40
CA TYR A 174 19.04 -2.39 -0.79
C TYR A 174 19.90 -2.56 0.46
N ASN A 175 19.25 -2.89 1.60
CA ASN A 175 19.84 -2.75 2.92
C ASN A 175 19.55 -3.98 3.78
N VAL A 176 18.83 -3.73 4.88
CA VAL A 176 18.10 -4.75 5.63
C VAL A 176 16.62 -4.56 5.32
N MET A 177 16.37 -3.71 4.31
CA MET A 177 15.06 -3.49 3.73
C MET A 177 14.78 -4.54 2.66
N GLY A 178 15.84 -5.09 2.06
CA GLY A 178 15.78 -6.30 1.24
C GLY A 178 15.18 -7.49 2.00
N MET A 179 15.65 -7.71 3.24
CA MET A 179 15.20 -8.77 4.13
C MET A 179 13.75 -8.54 4.53
N ALA A 180 13.40 -7.30 4.86
CA ALA A 180 12.03 -6.96 5.18
C ALA A 180 11.12 -7.03 3.96
N LYS A 181 11.61 -6.69 2.75
CA LYS A 181 10.84 -6.82 1.52
C LYS A 181 10.38 -8.27 1.32
N ALA A 182 11.35 -9.18 1.42
CA ALA A 182 11.20 -10.62 1.30
C ALA A 182 10.23 -11.13 2.36
N SER A 183 10.44 -10.66 3.60
CA SER A 183 9.53 -10.95 4.69
C SER A 183 8.08 -10.56 4.35
N LEU A 184 7.90 -9.31 3.92
CA LEU A 184 6.60 -8.76 3.57
C LEU A 184 5.94 -9.58 2.46
N GLU A 185 6.70 -9.96 1.42
CA GLU A 185 6.13 -10.69 0.28
C GLU A 185 5.71 -12.11 0.67
N ALA A 186 6.41 -12.68 1.64
CA ALA A 186 6.06 -13.97 2.19
C ALA A 186 4.78 -13.86 3.01
N SER A 187 4.57 -12.77 3.75
CA SER A 187 3.30 -12.60 4.44
C SER A 187 2.12 -12.56 3.47
N VAL A 188 2.33 -12.05 2.24
CA VAL A 188 1.27 -12.01 1.24
C VAL A 188 0.76 -13.42 0.91
N ARG A 189 1.69 -14.37 0.74
CA ARG A 189 1.30 -15.74 0.44
C ARG A 189 0.62 -16.41 1.63
N TYR A 190 1.14 -16.19 2.84
CA TYR A 190 0.57 -16.80 4.03
C TYR A 190 -0.84 -16.26 4.25
N LEU A 191 -1.00 -14.95 4.11
CA LEU A 191 -2.26 -14.28 4.38
C LEU A 191 -3.27 -14.64 3.30
N ALA A 192 -2.84 -14.67 2.03
CA ALA A 192 -3.76 -15.05 0.96
C ALA A 192 -4.35 -16.43 1.27
N SER A 193 -3.50 -17.29 1.81
CA SER A 193 -3.89 -18.63 2.13
C SER A 193 -4.75 -18.69 3.40
N SER A 194 -4.44 -17.84 4.39
CA SER A 194 -5.19 -17.98 5.62
C SER A 194 -6.52 -17.22 5.56
N LEU A 195 -6.61 -16.22 4.69
CA LEU A 195 -7.77 -15.34 4.67
C LEU A 195 -8.70 -15.74 3.53
N GLY A 196 -8.22 -16.61 2.64
CA GLY A 196 -8.84 -16.84 1.35
C GLY A 196 -10.15 -17.61 1.49
N GLY A 197 -10.26 -18.44 2.55
CA GLY A 197 -11.48 -19.15 2.91
C GLY A 197 -12.63 -18.22 3.25
N GLU A 198 -12.33 -16.95 3.62
CA GLU A 198 -13.35 -15.97 3.88
C GLU A 198 -13.61 -15.13 2.65
N GLY A 199 -12.94 -15.42 1.54
CA GLY A 199 -13.17 -14.65 0.33
C GLY A 199 -12.34 -13.36 0.25
N ILE A 200 -11.41 -13.18 1.20
CA ILE A 200 -10.46 -12.06 1.21
C ILE A 200 -9.23 -12.38 0.34
N ARG A 201 -9.04 -11.54 -0.70
CA ARG A 201 -7.85 -11.55 -1.54
C ARG A 201 -6.75 -10.72 -0.86
N VAL A 202 -5.47 -11.07 -1.17
CA VAL A 202 -4.28 -10.48 -0.57
C VAL A 202 -3.17 -10.43 -1.61
N ASN A 203 -2.70 -9.22 -1.93
CA ASN A 203 -1.81 -9.02 -3.06
C ASN A 203 -0.82 -7.90 -2.75
N ALA A 204 0.23 -7.82 -3.58
CA ALA A 204 1.24 -6.82 -3.34
C ALA A 204 1.55 -6.18 -4.67
N ILE A 205 1.92 -4.89 -4.63
CA ILE A 205 2.60 -4.33 -5.78
C ILE A 205 4.04 -4.08 -5.38
N SER A 206 4.92 -4.47 -6.29
CA SER A 206 6.31 -4.08 -6.21
C SER A 206 6.59 -2.95 -7.21
N ALA A 207 6.91 -1.78 -6.67
CA ALA A 207 6.97 -0.55 -7.45
C ALA A 207 8.41 -0.32 -7.88
N GLY A 208 8.59 0.13 -9.13
CA GLY A 208 9.94 0.51 -9.52
C GLY A 208 10.43 1.80 -8.85
N PRO A 209 11.69 2.18 -9.10
CA PRO A 209 12.18 3.49 -8.68
C PRO A 209 11.27 4.54 -9.34
N ILE A 210 10.76 5.48 -8.55
CA ILE A 210 9.96 6.60 -9.03
C ILE A 210 10.67 7.92 -8.74
N ARG A 211 10.59 8.84 -9.72
CA ARG A 211 11.15 10.18 -9.60
C ARG A 211 10.14 11.09 -8.89
N THR A 212 10.42 11.38 -7.61
CA THR A 212 9.61 12.31 -6.84
C THR A 212 10.41 13.59 -6.60
N LEU A 213 9.69 14.68 -6.30
CA LEU A 213 10.32 15.86 -5.72
C LEU A 213 10.90 15.47 -4.37
N ALA A 214 12.03 16.09 -4.03
CA ALA A 214 12.68 15.89 -2.74
C ALA A 214 13.49 14.60 -2.79
N ALA A 215 12.80 13.46 -2.92
CA ALA A 215 13.42 12.22 -3.37
C ALA A 215 14.41 12.54 -4.48
N SER A 216 14.01 13.43 -5.40
CA SER A 216 14.86 13.89 -6.49
C SER A 216 16.08 14.65 -5.96
N GLY A 217 15.84 15.63 -5.09
CA GLY A 217 16.96 16.34 -4.49
C GLY A 217 17.61 15.54 -3.37
N ILE A 218 18.25 14.42 -3.74
CA ILE A 218 19.09 13.65 -2.82
C ILE A 218 20.46 13.48 -3.47
N LYS A 219 20.47 13.37 -4.81
CA LYS A 219 21.67 13.42 -5.64
C LYS A 219 22.38 12.05 -5.67
N SER A 220 21.93 11.11 -4.82
CA SER A 220 22.42 9.75 -4.86
C SER A 220 21.27 8.76 -5.14
N PHE A 221 20.05 9.15 -4.70
CA PHE A 221 18.84 8.50 -5.18
C PHE A 221 18.58 8.98 -6.61
N ARG A 222 18.87 10.25 -6.88
CA ARG A 222 18.81 10.80 -8.22
C ARG A 222 19.48 9.83 -9.18
N ARG A 223 20.57 9.20 -8.73
CA ARG A 223 21.45 8.49 -9.65
C ARG A 223 20.97 7.06 -9.90
N MET A 224 20.25 6.47 -8.95
CA MET A 224 19.54 5.21 -9.23
C MET A 224 18.55 5.43 -10.39
N LEU A 225 17.77 6.49 -10.29
CA LEU A 225 16.73 6.84 -11.23
C LEU A 225 17.33 7.02 -12.62
N ASP A 226 18.48 7.70 -12.69
CA ASP A 226 19.21 7.89 -13.95
C ASP A 226 19.54 6.53 -14.57
N VAL A 227 19.91 5.56 -13.72
CA VAL A 227 20.44 4.30 -14.22
C VAL A 227 19.29 3.39 -14.60
N SER A 228 18.31 3.25 -13.71
CA SER A 228 17.19 2.34 -13.91
C SER A 228 16.35 2.77 -15.10
N GLU A 229 16.39 4.06 -15.46
CA GLU A 229 15.79 4.58 -16.69
C GLU A 229 16.46 3.99 -17.92
N LYS A 230 17.76 3.73 -17.81
CA LYS A 230 18.49 3.18 -18.94
C LYS A 230 18.36 1.67 -18.94
N ILE A 231 18.39 1.07 -17.75
CA ILE A 231 18.25 -0.37 -17.57
C ILE A 231 16.89 -0.91 -18.07
N ALA A 232 15.77 -0.37 -17.57
CA ALA A 232 14.47 -1.01 -17.69
C ALA A 232 14.02 -1.13 -19.15
N PRO A 233 13.34 -2.24 -19.51
CA PRO A 233 12.86 -2.43 -20.87
C PRO A 233 12.18 -1.20 -21.49
N LEU A 234 11.29 -0.52 -20.75
CA LEU A 234 10.59 0.61 -21.33
C LEU A 234 11.45 1.87 -21.37
N GLN A 235 12.66 1.84 -20.78
CA GLN A 235 13.58 2.97 -20.91
C GLN A 235 13.05 4.20 -20.19
N ARG A 236 12.31 3.95 -19.12
CA ARG A 236 11.84 5.04 -18.28
C ARG A 236 11.54 4.45 -16.91
N ASN A 237 11.26 5.32 -15.93
CA ASN A 237 10.79 4.94 -14.62
C ASN A 237 9.28 5.08 -14.63
N VAL A 238 8.58 4.26 -13.84
CA VAL A 238 7.14 4.36 -13.76
C VAL A 238 6.75 5.64 -13.02
N SER A 239 5.55 6.14 -13.32
CA SER A 239 4.98 7.27 -12.61
C SER A 239 4.17 6.76 -11.42
N GLN A 240 3.77 7.67 -10.52
CA GLN A 240 2.90 7.38 -9.40
C GLN A 240 1.50 7.01 -9.89
N GLU A 241 1.09 7.62 -11.01
CA GLU A 241 -0.19 7.34 -11.64
C GLU A 241 -0.23 5.87 -12.04
N GLU A 242 0.90 5.34 -12.52
CA GLU A 242 0.93 3.97 -13.03
C GLU A 242 0.78 2.99 -11.86
N VAL A 243 1.38 3.36 -10.72
CA VAL A 243 1.26 2.55 -9.52
C VAL A 243 -0.14 2.64 -8.93
N GLY A 244 -0.74 3.84 -8.88
CA GLY A 244 -2.10 4.01 -8.36
C GLY A 244 -3.13 3.24 -9.19
N ASN A 245 -2.98 3.25 -10.51
CA ASN A 245 -3.88 2.54 -11.38
C ASN A 245 -3.71 1.02 -11.28
N ALA A 246 -2.47 0.55 -11.07
CA ALA A 246 -2.27 -0.88 -10.89
C ALA A 246 -2.89 -1.29 -9.56
N ALA A 247 -2.82 -0.39 -8.56
CA ALA A 247 -3.37 -0.63 -7.22
C ALA A 247 -4.89 -0.71 -7.27
N LEU A 248 -5.49 0.28 -7.94
CA LEU A 248 -6.92 0.33 -8.23
C LEU A 248 -7.37 -1.03 -8.79
N PHE A 249 -6.66 -1.49 -9.83
CA PHE A 249 -6.98 -2.75 -10.48
C PHE A 249 -7.04 -3.85 -9.43
N LEU A 250 -5.95 -4.02 -8.66
CA LEU A 250 -5.90 -5.15 -7.74
C LEU A 250 -7.00 -5.03 -6.69
N LEU A 251 -7.46 -3.81 -6.40
CA LEU A 251 -8.45 -3.61 -5.34
C LEU A 251 -9.89 -3.73 -5.87
N SER A 252 -10.02 -3.75 -7.20
CA SER A 252 -11.28 -3.62 -7.90
C SER A 252 -11.88 -5.00 -8.20
N PRO A 253 -13.18 -5.08 -8.60
CA PRO A 253 -13.80 -6.32 -9.08
C PRO A 253 -13.11 -7.03 -10.27
N TRP A 254 -12.45 -6.25 -11.13
CA TRP A 254 -11.66 -6.81 -12.22
C TRP A 254 -10.60 -7.82 -11.74
N ALA A 255 -10.11 -7.69 -10.48
CA ALA A 255 -9.04 -8.56 -10.01
C ALA A 255 -9.58 -9.68 -9.11
N SER A 256 -10.86 -10.01 -9.26
CA SER A 256 -11.52 -10.90 -8.31
C SER A 256 -11.02 -12.33 -8.44
N GLY A 257 -10.28 -12.66 -9.51
CA GLY A 257 -9.71 -13.99 -9.60
C GLY A 257 -8.26 -14.07 -9.10
N ILE A 258 -7.70 -12.94 -8.62
CA ILE A 258 -6.27 -12.79 -8.33
C ILE A 258 -6.06 -12.67 -6.82
N THR A 259 -5.30 -13.62 -6.25
CA THR A 259 -4.82 -13.51 -4.87
C THR A 259 -3.44 -14.18 -4.76
N GLY A 260 -2.62 -13.69 -3.82
CA GLY A 260 -1.29 -14.22 -3.54
C GLY A 260 -0.22 -13.63 -4.47
N GLU A 261 -0.60 -12.64 -5.26
CA GLU A 261 0.21 -12.10 -6.33
C GLU A 261 1.11 -10.96 -5.85
N ILE A 262 2.34 -10.96 -6.39
CA ILE A 262 3.24 -9.82 -6.38
C ILE A 262 3.28 -9.24 -7.79
N LEU A 263 2.62 -8.09 -8.01
CA LEU A 263 2.58 -7.44 -9.31
C LEU A 263 3.71 -6.40 -9.40
N PHE A 264 4.66 -6.63 -10.29
CA PHE A 264 5.72 -5.67 -10.48
C PHE A 264 5.20 -4.55 -11.35
N VAL A 265 5.33 -3.32 -10.84
CA VAL A 265 4.99 -2.15 -11.64
C VAL A 265 6.23 -1.29 -11.77
N ASP A 266 7.04 -1.60 -12.79
CA ASP A 266 8.39 -1.10 -12.70
C ASP A 266 9.00 -1.00 -14.09
N ALA A 267 8.13 -0.96 -15.12
CA ALA A 267 8.57 -0.74 -16.49
C ALA A 267 9.49 -1.87 -16.93
N GLY A 268 9.44 -2.98 -16.18
CA GLY A 268 10.13 -4.20 -16.54
C GLY A 268 11.51 -4.36 -15.89
N PHE A 269 11.92 -3.37 -15.09
CA PHE A 269 13.19 -3.36 -14.38
C PHE A 269 13.56 -4.72 -13.80
N ASN A 270 12.64 -5.35 -13.03
CA ASN A 270 12.96 -6.55 -12.28
C ASN A 270 13.34 -7.70 -13.21
N THR A 271 12.74 -7.72 -14.40
CA THR A 271 12.84 -8.89 -15.27
C THR A 271 14.15 -8.84 -16.04
N VAL A 272 14.88 -7.73 -15.93
CA VAL A 272 15.92 -7.35 -16.88
C VAL A 272 17.18 -8.20 -16.68
N ALA A 273 17.99 -8.27 -17.75
CA ALA A 273 19.03 -9.29 -17.89
C ALA A 273 20.25 -8.76 -18.66
N ILE A 274 21.33 -8.44 -17.91
CA ILE A 274 22.66 -8.19 -18.45
C ILE A 274 22.76 -6.78 -19.06
N SER A 275 23.98 -6.23 -19.04
CA SER A 275 24.25 -4.85 -19.40
C SER A 275 24.37 -4.65 -20.90
N GLU A 276 25.15 -5.55 -21.55
CA GLU A 276 25.42 -5.59 -22.99
C GLU A 276 26.62 -4.70 -23.32
N LYS A 277 26.56 -3.41 -22.96
CA LYS A 277 27.57 -2.42 -23.33
C LYS A 277 27.56 -1.26 -22.35
N ILE A 278 27.38 -1.54 -21.05
CA ILE A 278 27.36 -0.53 -20.00
C ILE A 278 28.29 -0.98 -18.87
#